data_7I9M
#
_entry.id   7I9M
#
_cell.length_a   42.530
_cell.length_b   42.530
_cell.length_c   218.130
_cell.angle_alpha   90.000
_cell.angle_beta   90.000
_cell.angle_gamma   90.000
#
_symmetry.space_group_name_H-M   'P 43 2 2'
#
loop_
_entity.id
_entity.type
_entity.pdbx_description
1 polymer 'Serine protease subunit NS2B'
2 polymer 'Serine protease NS3'
3 non-polymer 'DIMETHYL SULFOXIDE'
4 non-polymer 'benzyl [3-({4-[(1R)-1-aminoethyl]phenyl}carbamoyl)-5-chlorophenyl]carbamate'
5 water water
#
loop_
_entity_poly.entity_id
_entity_poly.type
_entity_poly.pdbx_seq_one_letter_code
_entity_poly.pdbx_strand_id
1 'polypeptide(L)' SMGKSVDMYIERAGDITWEKDAEVTGNSPRLDVALDESGDFSLVEE A
2 'polypeptide(L)'
;MKEVKKGETTDGVYRVMTRRLLGSTQVGVGVMQEGVFHTMWHVTKGAALRSGEGRLDPYWGDVKQDLVSYCGPWKLDAAW
DGLSEVQLLAVPPGERAKNIQTLPGIFKTKDGDIGAVALDYPAGTSGSPILDKCGRVIGLYGNGVVIKNGSYVSAITQGK
REEETPVE
;
B
#
loop_
_chem_comp.id
_chem_comp.type
_chem_comp.name
_chem_comp.formula
A1B86 non-polymer 'benzyl [3-({4-[(1R)-1-aminoethyl]phenyl}carbamoyl)-5-chlorophenyl]carbamate' 'C23 H22 Cl N3 O3'
DMS non-polymer 'DIMETHYL SULFOXIDE' 'C2 H6 O S'
#
# COMPACT_ATOMS: atom_id res chain seq x y z
N ASP A 7 20.23 3.12 -6.29
CA ASP A 7 20.00 3.55 -4.92
C ASP A 7 18.63 4.19 -4.74
N MET A 8 17.78 3.53 -3.99
CA MET A 8 16.46 4.05 -3.71
C MET A 8 16.47 4.96 -2.51
N TYR A 9 15.62 5.98 -2.54
CA TYR A 9 15.52 6.95 -1.47
C TYR A 9 14.09 7.33 -1.17
N ILE A 10 13.82 7.85 0.04
CA ILE A 10 12.45 8.22 0.41
C ILE A 10 12.30 9.74 0.63
N GLU A 11 11.09 10.29 0.38
CA GLU A 11 10.76 11.72 0.55
C GLU A 11 9.41 11.81 1.24
N ARG A 12 9.26 12.67 2.28
CA ARG A 12 7.96 12.77 2.95
C ARG A 12 6.85 13.31 2.04
N ALA A 13 5.63 12.74 2.12
CA ALA A 13 4.53 13.20 1.29
C ALA A 13 3.29 13.69 2.06
N GLY A 14 3.22 13.45 3.38
CA GLY A 14 2.11 13.94 4.18
C GLY A 14 1.86 13.20 5.47
N ASP A 15 0.88 13.67 6.25
CA ASP A 15 0.45 13.05 7.50
C ASP A 15 -0.56 11.96 7.16
N ILE A 16 -0.71 10.96 8.03
CA ILE A 16 -1.73 9.93 7.82
C ILE A 16 -2.93 10.25 8.67
N THR A 17 -3.95 10.87 8.06
CA THR A 17 -5.17 11.27 8.75
C THR A 17 -6.42 11.12 7.90
N TRP A 18 -7.56 10.86 8.55
CA TRP A 18 -8.83 10.79 7.84
C TRP A 18 -9.26 12.22 7.49
N GLU A 19 -9.73 12.44 6.26
CA GLU A 19 -10.17 13.76 5.86
C GLU A 19 -11.68 13.80 5.67
N LYS A 20 -12.36 14.63 6.46
CA LYS A 20 -13.80 14.78 6.38
C LYS A 20 -14.16 15.42 5.06
N ASP A 21 -15.24 14.93 4.42
CA ASP A 21 -15.69 15.46 3.13
C ASP A 21 -14.59 15.35 2.05
N ALA A 22 -14.02 14.15 1.92
CA ALA A 22 -13.05 13.82 0.88
C ALA A 22 -13.88 13.35 -0.35
N GLU A 23 -13.24 13.25 -1.54
CA GLU A 23 -13.96 12.79 -2.74
C GLU A 23 -14.38 11.32 -2.54
N VAL A 24 -15.68 11.02 -2.65
CA VAL A 24 -16.17 9.64 -2.45
C VAL A 24 -16.40 8.97 -3.81
N THR A 25 -15.68 7.87 -4.12
CA THR A 25 -15.85 7.17 -5.39
C THR A 25 -15.45 5.66 -5.30
N GLY A 26 -15.58 4.90 -6.38
CA GLY A 26 -15.22 3.49 -6.38
C GLY A 26 -16.37 2.55 -6.02
N ASN A 27 -16.49 1.45 -6.76
CA ASN A 27 -17.51 0.44 -6.49
C ASN A 27 -16.94 -0.66 -5.51
N SER A 28 -17.76 -1.66 -5.12
CA SER A 28 -17.37 -2.71 -4.16
C SER A 28 -17.59 -4.13 -4.75
N PRO A 29 -16.75 -4.57 -5.71
CA PRO A 29 -17.00 -5.87 -6.34
C PRO A 29 -16.62 -7.08 -5.49
N ARG A 30 -17.40 -8.18 -5.60
CA ARG A 30 -17.07 -9.42 -4.87
C ARG A 30 -16.48 -10.38 -5.90
N LEU A 31 -15.18 -10.66 -5.79
CA LEU A 31 -14.45 -11.45 -6.78
C LEU A 31 -13.82 -12.74 -6.22
N ASP A 32 -13.92 -13.86 -6.96
CA ASP A 32 -13.26 -15.10 -6.55
C ASP A 32 -11.83 -15.04 -7.06
N VAL A 33 -10.82 -15.04 -6.15
CA VAL A 33 -9.42 -14.95 -6.58
C VAL A 33 -8.55 -16.09 -5.98
N ALA A 34 -7.34 -16.26 -6.56
CA ALA A 34 -6.35 -17.22 -6.11
C ALA A 34 -5.03 -16.47 -5.94
N LEU A 35 -4.24 -16.85 -4.93
CA LEU A 35 -2.96 -16.22 -4.68
C LEU A 35 -1.88 -17.29 -4.84
N ASP A 36 -0.88 -17.02 -5.68
CA ASP A 36 0.17 -18.00 -5.93
C ASP A 36 1.40 -17.75 -5.05
N GLU A 37 2.32 -18.71 -5.02
CA GLU A 37 3.56 -18.64 -4.25
C GLU A 37 4.39 -17.39 -4.60
N SER A 38 4.22 -16.82 -5.81
CA SER A 38 4.94 -15.59 -6.18
C SER A 38 4.25 -14.29 -5.72
N GLY A 39 3.13 -14.39 -5.01
CA GLY A 39 2.42 -13.21 -4.52
C GLY A 39 1.53 -12.53 -5.56
N ASP A 40 1.19 -13.23 -6.64
CA ASP A 40 0.34 -12.69 -7.69
C ASP A 40 -1.09 -13.19 -7.56
N PHE A 41 -2.05 -12.26 -7.61
CA PHE A 41 -3.46 -12.60 -7.55
C PHE A 41 -3.97 -12.85 -8.96
N SER A 42 -4.85 -13.82 -9.12
CA SER A 42 -5.46 -14.10 -10.42
C SER A 42 -6.96 -14.36 -10.22
N LEU A 43 -7.77 -14.08 -11.26
CA LEU A 43 -9.21 -14.31 -11.17
C LEU A 43 -9.53 -15.79 -11.40
N VAL A 44 -10.37 -16.35 -10.53
CA VAL A 44 -10.83 -17.73 -10.62
C VAL A 44 -12.23 -17.71 -11.19
N GLU A 45 -12.49 -18.46 -12.27
CA GLU A 45 -13.84 -18.47 -12.85
C GLU A 45 -14.37 -19.88 -13.09
N GLY B 7 18.46 10.15 9.16
CA GLY B 7 17.48 10.71 8.25
C GLY B 7 16.12 10.97 8.88
N GLU B 8 15.11 11.33 8.06
CA GLU B 8 13.79 11.61 8.60
C GLU B 8 13.05 10.37 9.06
N THR B 9 12.67 10.37 10.34
N THR B 9 12.68 10.35 10.35
CA THR B 9 11.97 9.23 10.94
CA THR B 9 11.94 9.22 10.92
C THR B 9 10.56 9.60 11.43
C THR B 9 10.54 9.59 11.41
N THR B 10 10.09 10.84 11.15
CA THR B 10 8.77 11.31 11.54
C THR B 10 7.71 10.45 10.89
N ASP B 11 6.70 10.02 11.67
CA ASP B 11 5.56 9.25 11.19
C ASP B 11 4.91 9.97 9.99
N GLY B 12 4.41 9.21 9.04
CA GLY B 12 3.77 9.77 7.86
C GLY B 12 3.84 8.87 6.64
N VAL B 13 3.36 9.37 5.50
CA VAL B 13 3.42 8.65 4.23
C VAL B 13 4.63 9.21 3.44
N TYR B 14 5.35 8.34 2.73
CA TYR B 14 6.57 8.72 2.01
C TYR B 14 6.59 8.17 0.60
N ARG B 15 7.20 8.90 -0.33
CA ARG B 15 7.40 8.41 -1.69
C ARG B 15 8.70 7.58 -1.73
N VAL B 16 8.76 6.54 -2.57
CA VAL B 16 9.97 5.73 -2.78
C VAL B 16 10.46 6.04 -4.19
N MET B 17 11.65 6.61 -4.31
CA MET B 17 12.19 7.06 -5.57
C MET B 17 13.47 6.33 -5.99
N THR B 18 13.81 6.38 -7.29
CA THR B 18 15.07 5.83 -7.78
C THR B 18 15.67 6.76 -8.86
N ARG B 19 17.00 6.82 -8.94
CA ARG B 19 17.67 7.60 -9.99
C ARG B 19 18.40 6.71 -11.02
N ARG B 20 18.10 5.40 -11.04
CA ARG B 20 18.75 4.43 -11.93
C ARG B 20 18.27 4.61 -13.36
N LEU B 21 16.96 4.84 -13.52
CA LEU B 21 16.30 5.04 -14.80
C LEU B 21 16.41 6.53 -15.24
N LEU B 22 15.60 7.00 -16.21
CA LEU B 22 15.62 8.39 -16.66
C LEU B 22 15.14 9.32 -15.53
N GLY B 23 15.92 10.36 -15.25
CA GLY B 23 15.63 11.32 -14.17
C GLY B 23 15.35 10.69 -12.82
N SER B 24 14.39 11.23 -12.08
CA SER B 24 13.99 10.69 -10.77
C SER B 24 12.64 10.08 -10.94
N THR B 25 12.51 8.77 -10.69
CA THR B 25 11.28 8.05 -10.92
C THR B 25 10.68 7.52 -9.62
N GLN B 26 9.36 7.68 -9.44
CA GLN B 26 8.71 7.17 -8.24
C GLN B 26 8.31 5.72 -8.49
N VAL B 27 8.93 4.78 -7.76
CA VAL B 27 8.60 3.35 -7.92
C VAL B 27 7.50 2.86 -6.97
N GLY B 28 7.21 3.63 -5.92
CA GLY B 28 6.17 3.27 -4.97
C GLY B 28 6.08 4.25 -3.82
N VAL B 29 5.39 3.84 -2.75
CA VAL B 29 5.04 4.63 -1.57
C VAL B 29 5.16 3.74 -0.29
N GLY B 30 5.31 4.35 0.87
CA GLY B 30 5.37 3.61 2.12
C GLY B 30 4.94 4.41 3.33
N VAL B 31 4.80 3.73 4.48
CA VAL B 31 4.39 4.31 5.76
C VAL B 31 5.49 4.24 6.82
N MET B 32 5.78 5.36 7.47
CA MET B 32 6.72 5.39 8.57
C MET B 32 5.86 5.43 9.85
N GLN B 33 6.01 4.45 10.74
CA GLN B 33 5.26 4.42 11.99
C GLN B 33 6.12 3.74 13.02
N GLU B 34 6.32 4.38 14.19
CA GLU B 34 7.11 3.88 15.32
C GLU B 34 8.56 3.56 14.97
N GLY B 35 9.16 4.33 14.07
CA GLY B 35 10.54 4.10 13.68
C GLY B 35 10.76 3.00 12.65
N VAL B 36 9.68 2.42 12.10
CA VAL B 36 9.72 1.35 11.10
C VAL B 36 9.10 1.84 9.76
N PHE B 37 9.78 1.58 8.61
CA PHE B 37 9.25 1.96 7.30
C PHE B 37 8.59 0.73 6.69
N HIS B 38 7.34 0.84 6.26
CA HIS B 38 6.53 -0.27 5.74
C HIS B 38 6.20 -0.03 4.27
N THR B 39 6.46 -1.01 3.38
CA THR B 39 6.09 -0.86 1.97
C THR B 39 5.78 -2.25 1.36
N MET B 40 5.51 -2.30 0.04
CA MET B 40 5.24 -3.55 -0.64
C MET B 40 6.54 -4.12 -1.19
N TRP B 41 6.69 -5.45 -1.15
CA TRP B 41 7.92 -6.08 -1.63
CA TRP B 41 7.91 -6.09 -1.63
C TRP B 41 8.23 -5.72 -3.08
N HIS B 42 7.23 -5.68 -3.98
CA HIS B 42 7.51 -5.40 -5.39
C HIS B 42 8.03 -3.96 -5.63
N VAL B 43 7.89 -3.05 -4.64
CA VAL B 43 8.40 -1.68 -4.78
C VAL B 43 9.93 -1.66 -4.68
N THR B 44 10.49 -2.26 -3.61
CA THR B 44 11.94 -2.22 -3.38
C THR B 44 12.69 -3.50 -3.70
N LYS B 45 11.97 -4.63 -3.83
CA LYS B 45 12.60 -5.96 -3.99
C LYS B 45 13.48 -6.31 -2.75
N GLY B 46 13.21 -5.69 -1.60
CA GLY B 46 13.99 -5.94 -0.39
C GLY B 46 15.30 -5.16 -0.33
N ALA B 47 15.59 -4.28 -1.32
CA ALA B 47 16.84 -3.52 -1.31
C ALA B 47 16.87 -2.43 -0.22
N ALA B 48 18.07 -2.01 0.19
CA ALA B 48 18.26 -0.95 1.19
C ALA B 48 17.76 0.39 0.67
N LEU B 49 17.38 1.29 1.59
CA LEU B 49 16.84 2.59 1.24
C LEU B 49 17.65 3.71 1.88
N ARG B 50 17.61 4.87 1.27
CA ARG B 50 18.30 6.04 1.76
C ARG B 50 17.26 7.05 2.28
N SER B 51 17.54 7.69 3.41
CA SER B 51 16.66 8.74 3.94
C SER B 51 17.59 9.88 4.28
N GLY B 52 17.81 10.76 3.31
CA GLY B 52 18.77 11.85 3.46
C GLY B 52 20.16 11.24 3.47
N GLU B 53 20.89 11.43 4.57
CA GLU B 53 22.20 10.83 4.75
C GLU B 53 22.18 9.49 5.53
N GLY B 54 21.01 9.06 6.00
CA GLY B 54 20.88 7.84 6.77
C GLY B 54 20.48 6.65 5.91
N ARG B 55 20.72 5.44 6.41
CA ARG B 55 20.40 4.22 5.69
C ARG B 55 19.25 3.46 6.37
N LEU B 56 18.34 2.89 5.59
CA LEU B 56 17.28 2.05 6.14
C LEU B 56 17.56 0.63 5.66
N ASP B 57 17.81 -0.30 6.57
CA ASP B 57 18.07 -1.68 6.21
C ASP B 57 16.82 -2.54 6.38
N PRO B 58 16.58 -3.47 5.44
CA PRO B 58 15.42 -4.38 5.59
C PRO B 58 15.49 -5.16 6.90
N TYR B 59 14.35 -5.50 7.47
CA TYR B 59 14.30 -6.23 8.73
C TYR B 59 13.46 -7.50 8.56
N TRP B 60 12.35 -7.39 7.85
CA TRP B 60 11.46 -8.56 7.62
C TRP B 60 10.85 -8.40 6.24
N GLY B 61 10.50 -9.50 5.58
CA GLY B 61 9.83 -9.43 4.29
C GLY B 61 9.30 -10.78 3.85
N ASP B 62 8.37 -10.80 2.91
CA ASP B 62 7.76 -12.03 2.44
C ASP B 62 7.14 -11.78 1.06
N VAL B 63 7.68 -12.43 0.03
CA VAL B 63 7.21 -12.27 -1.36
C VAL B 63 5.73 -12.67 -1.52
N LYS B 64 5.25 -13.67 -0.76
CA LYS B 64 3.86 -14.10 -0.92
C LYS B 64 2.88 -13.08 -0.37
N GLN B 65 3.18 -12.51 0.80
CA GLN B 65 2.34 -11.42 1.33
C GLN B 65 2.58 -10.11 0.53
N ASP B 66 3.73 -10.00 -0.18
CA ASP B 66 4.18 -8.84 -0.94
C ASP B 66 4.38 -7.65 -0.02
N LEU B 67 4.96 -7.88 1.19
CA LEU B 67 5.24 -6.82 2.16
C LEU B 67 6.70 -6.85 2.62
N VAL B 68 7.21 -5.71 3.14
CA VAL B 68 8.57 -5.62 3.70
C VAL B 68 8.60 -4.47 4.73
N SER B 69 9.37 -4.61 5.83
CA SER B 69 9.57 -3.57 6.85
C SER B 69 11.08 -3.28 6.98
N TYR B 70 11.41 -2.05 7.33
CA TYR B 70 12.79 -1.59 7.45
C TYR B 70 12.98 -1.04 8.87
N CYS B 71 14.16 -1.31 9.48
CA CYS B 71 14.55 -0.84 10.82
C CYS B 71 13.89 -1.57 11.98
N GLY B 72 12.87 -2.38 11.71
CA GLY B 72 12.22 -3.13 12.79
C GLY B 72 11.08 -3.96 12.29
N PRO B 73 10.43 -4.68 13.21
CA PRO B 73 9.32 -5.55 12.79
C PRO B 73 8.07 -4.80 12.37
N TRP B 74 7.22 -5.44 11.56
CA TRP B 74 5.96 -4.86 11.07
C TRP B 74 5.09 -4.37 12.23
N LYS B 75 4.69 -3.09 12.19
CA LYS B 75 3.95 -2.44 13.29
C LYS B 75 2.46 -2.23 13.05
N LEU B 76 1.99 -2.32 11.80
CA LEU B 76 0.61 -1.98 11.48
C LEU B 76 -0.30 -3.18 11.70
N ASP B 77 -1.24 -3.08 12.66
CA ASP B 77 -2.11 -4.22 12.93
C ASP B 77 -3.60 -3.93 12.92
N ALA B 78 -4.03 -2.76 12.41
CA ALA B 78 -5.45 -2.47 12.31
C ALA B 78 -6.05 -3.27 11.14
N ALA B 79 -7.35 -3.60 11.24
CA ALA B 79 -8.04 -4.35 10.20
C ALA B 79 -9.34 -3.67 9.80
N TRP B 80 -9.75 -3.82 8.53
CA TRP B 80 -11.04 -3.31 8.02
C TRP B 80 -12.16 -4.03 8.79
N ASP B 81 -13.21 -3.32 9.26
CA ASP B 81 -14.26 -3.99 10.05
C ASP B 81 -15.25 -4.83 9.22
N GLY B 82 -15.19 -4.71 7.89
CA GLY B 82 -16.09 -5.45 7.00
C GLY B 82 -17.39 -4.74 6.69
N LEU B 83 -17.60 -3.54 7.24
CA LEU B 83 -18.84 -2.80 7.02
C LEU B 83 -18.63 -1.39 6.50
N SER B 84 -17.67 -0.66 7.08
CA SER B 84 -17.46 0.76 6.89
C SER B 84 -16.66 1.18 5.66
N GLU B 85 -16.83 2.44 5.27
CA GLU B 85 -16.06 3.02 4.18
C GLU B 85 -14.65 3.33 4.72
N VAL B 86 -13.69 3.39 3.82
CA VAL B 86 -12.28 3.63 4.15
C VAL B 86 -11.76 4.72 3.22
N GLN B 87 -10.54 5.22 3.46
CA GLN B 87 -9.93 6.16 2.56
C GLN B 87 -8.57 5.64 2.07
N LEU B 88 -8.32 5.74 0.76
CA LEU B 88 -7.04 5.44 0.19
C LEU B 88 -6.31 6.77 0.20
N LEU B 89 -5.19 6.86 0.92
CA LEU B 89 -4.40 8.07 0.93
C LEU B 89 -3.44 7.89 -0.24
N ALA B 90 -3.94 8.18 -1.46
CA ALA B 90 -3.18 8.00 -2.69
C ALA B 90 -2.07 8.99 -2.86
N VAL B 91 -0.83 8.51 -3.11
CA VAL B 91 0.33 9.38 -3.35
C VAL B 91 0.82 9.06 -4.79
N PRO B 92 0.17 9.61 -5.85
CA PRO B 92 0.58 9.28 -7.23
C PRO B 92 1.89 9.96 -7.63
N PRO B 93 2.61 9.41 -8.62
CA PRO B 93 3.90 10.02 -9.01
C PRO B 93 3.73 11.46 -9.49
N GLY B 94 4.60 12.33 -9.03
CA GLY B 94 4.59 13.75 -9.37
C GLY B 94 3.37 14.53 -8.91
N GLU B 95 2.46 13.89 -8.16
CA GLU B 95 1.22 14.56 -7.74
C GLU B 95 1.06 14.57 -6.22
N ARG B 96 0.33 15.57 -5.71
CA ARG B 96 0.09 15.74 -4.27
C ARG B 96 -0.65 14.56 -3.66
N ALA B 97 -0.40 14.25 -2.36
CA ALA B 97 -1.14 13.21 -1.62
C ALA B 97 -2.63 13.59 -1.59
N LYS B 98 -3.52 12.65 -1.82
CA LYS B 98 -4.95 12.93 -1.91
C LYS B 98 -5.77 11.80 -1.29
N ASN B 99 -6.68 12.08 -0.34
CA ASN B 99 -7.51 11.01 0.25
C ASN B 99 -8.73 10.76 -0.62
N ILE B 100 -9.08 9.49 -0.85
CA ILE B 100 -10.24 9.12 -1.65
C ILE B 100 -11.06 8.14 -0.83
N GLN B 101 -12.33 8.43 -0.56
CA GLN B 101 -13.18 7.57 0.24
C GLN B 101 -13.90 6.55 -0.65
N THR B 102 -14.02 5.28 -0.18
CA THR B 102 -14.65 4.21 -0.95
C THR B 102 -15.18 3.09 -0.04
N LEU B 103 -16.17 2.31 -0.51
CA LEU B 103 -16.62 1.15 0.25
C LEU B 103 -15.91 -0.02 -0.38
N PRO B 104 -15.08 -0.73 0.40
CA PRO B 104 -14.37 -1.87 -0.17
C PRO B 104 -15.24 -3.04 -0.55
N GLY B 105 -14.86 -3.69 -1.64
CA GLY B 105 -15.43 -4.96 -2.05
C GLY B 105 -14.70 -6.08 -1.33
N ILE B 106 -14.80 -7.33 -1.84
CA ILE B 106 -14.21 -8.53 -1.24
C ILE B 106 -13.46 -9.40 -2.24
N PHE B 107 -12.28 -9.90 -1.85
CA PHE B 107 -11.53 -10.90 -2.60
C PHE B 107 -11.88 -12.20 -1.84
N LYS B 108 -12.55 -13.16 -2.47
CA LYS B 108 -12.86 -14.44 -1.82
C LYS B 108 -11.80 -15.45 -2.24
N THR B 109 -11.07 -16.03 -1.28
CA THR B 109 -10.01 -17.00 -1.58
C THR B 109 -10.28 -18.37 -0.90
N LYS B 110 -9.54 -19.41 -1.30
CA LYS B 110 -9.68 -20.73 -0.67
C LYS B 110 -9.27 -20.70 0.82
N ASP B 111 -8.56 -19.63 1.26
CA ASP B 111 -8.09 -19.43 2.63
C ASP B 111 -8.78 -18.29 3.36
N GLY B 112 -9.91 -17.79 2.87
CA GLY B 112 -10.62 -16.71 3.53
C GLY B 112 -10.77 -15.44 2.70
N ASP B 113 -11.60 -14.52 3.18
CA ASP B 113 -11.87 -13.27 2.48
C ASP B 113 -10.95 -12.12 2.89
N ILE B 114 -10.68 -11.22 1.95
CA ILE B 114 -9.81 -10.06 2.12
C ILE B 114 -10.56 -8.84 1.56
N GLY B 115 -10.42 -7.67 2.19
CA GLY B 115 -11.02 -6.46 1.64
C GLY B 115 -10.35 -6.10 0.33
N ALA B 116 -11.05 -5.37 -0.53
CA ALA B 116 -10.48 -4.95 -1.81
C ALA B 116 -10.95 -3.54 -2.17
N VAL B 117 -10.08 -2.72 -2.77
CA VAL B 117 -10.45 -1.37 -3.18
CA VAL B 117 -10.38 -1.36 -3.15
C VAL B 117 -10.34 -1.21 -4.69
N ALA B 118 -11.47 -0.75 -5.30
CA ALA B 118 -11.56 -0.61 -6.74
C ALA B 118 -11.27 0.81 -7.20
N LEU B 119 -10.01 1.25 -7.03
CA LEU B 119 -9.60 2.57 -7.44
C LEU B 119 -8.41 2.42 -8.38
N ASP B 120 -8.41 3.18 -9.47
CA ASP B 120 -7.43 3.16 -10.55
C ASP B 120 -6.31 4.16 -10.37
N TYR B 121 -5.07 3.70 -10.18
CA TYR B 121 -3.94 4.63 -10.05
C TYR B 121 -2.68 4.07 -10.76
N PRO B 122 -1.71 4.92 -11.16
CA PRO B 122 -0.47 4.38 -11.76
C PRO B 122 0.26 3.39 -10.83
N ALA B 123 1.06 2.45 -11.42
CA ALA B 123 1.79 1.41 -10.69
C ALA B 123 2.75 1.96 -9.61
N GLY B 124 3.25 3.17 -9.84
CA GLY B 124 4.12 3.83 -8.88
C GLY B 124 3.40 4.36 -7.66
N THR B 125 2.07 4.19 -7.57
CA THR B 125 1.27 4.54 -6.37
C THR B 125 1.28 3.33 -5.34
N SER B 126 1.85 2.15 -5.70
CA SER B 126 1.88 0.93 -4.87
C SER B 126 2.52 1.23 -3.52
N GLY B 127 1.89 0.79 -2.44
CA GLY B 127 2.35 1.05 -1.08
C GLY B 127 1.57 2.15 -0.37
N SER B 128 0.68 2.86 -1.09
CA SER B 128 -0.14 3.92 -0.50
C SER B 128 -1.04 3.31 0.57
N PRO B 129 -1.14 3.95 1.74
CA PRO B 129 -1.96 3.38 2.81
C PRO B 129 -3.46 3.57 2.68
N ILE B 130 -4.20 2.58 3.18
CA ILE B 130 -5.66 2.60 3.27
C ILE B 130 -5.95 2.78 4.76
N LEU B 131 -6.80 3.76 5.12
CA LEU B 131 -7.09 4.13 6.50
C LEU B 131 -8.52 3.89 6.95
N ASP B 132 -8.72 3.61 8.24
CA ASP B 132 -10.07 3.56 8.80
C ASP B 132 -10.43 4.99 9.32
N LYS B 133 -11.66 5.17 9.86
CA LYS B 133 -12.14 6.47 10.35
C LYS B 133 -11.31 7.03 11.51
N CYS B 134 -10.56 6.17 12.22
CA CYS B 134 -9.66 6.64 13.29
C CYS B 134 -8.28 7.04 12.76
N GLY B 135 -8.05 6.96 11.45
CA GLY B 135 -6.76 7.28 10.86
C GLY B 135 -5.74 6.16 10.95
N ARG B 136 -6.16 4.96 11.40
CA ARG B 136 -5.25 3.83 11.54
C ARG B 136 -5.06 3.14 10.19
N VAL B 137 -3.82 2.69 9.91
CA VAL B 137 -3.52 2.03 8.64
C VAL B 137 -3.99 0.58 8.65
N ILE B 138 -5.04 0.29 7.87
CA ILE B 138 -5.59 -1.06 7.81
C ILE B 138 -4.97 -1.92 6.70
N GLY B 139 -4.05 -1.36 5.92
CA GLY B 139 -3.35 -2.12 4.88
C GLY B 139 -2.77 -1.23 3.80
N LEU B 140 -2.04 -1.80 2.85
CA LEU B 140 -1.45 -1.03 1.77
C LEU B 140 -2.09 -1.41 0.44
N TYR B 141 -2.15 -0.44 -0.47
CA TYR B 141 -2.73 -0.57 -1.79
C TYR B 141 -1.64 -0.87 -2.81
N GLY B 142 -1.89 -1.76 -3.77
CA GLY B 142 -0.90 -2.00 -4.80
C GLY B 142 -0.77 -3.41 -5.33
N ASN B 143 -1.44 -4.41 -4.71
CA ASN B 143 -1.37 -5.77 -5.20
C ASN B 143 -2.77 -6.29 -5.38
N GLY B 144 -3.13 -6.53 -6.62
CA GLY B 144 -4.47 -7.01 -6.93
C GLY B 144 -4.59 -7.58 -8.31
N VAL B 145 -5.76 -7.35 -8.95
CA VAL B 145 -6.03 -7.95 -10.23
C VAL B 145 -6.66 -6.97 -11.25
N VAL B 146 -6.63 -7.35 -12.53
CA VAL B 146 -7.21 -6.55 -13.60
C VAL B 146 -8.51 -7.23 -13.98
N ILE B 147 -9.64 -6.51 -13.93
CA ILE B 147 -10.94 -7.13 -14.23
C ILE B 147 -11.39 -6.90 -15.70
N LYS B 148 -12.51 -7.51 -16.14
CA LYS B 148 -13.03 -7.41 -17.52
C LYS B 148 -12.96 -6.01 -18.15
N ASN B 149 -13.38 -4.97 -17.41
CA ASN B 149 -13.40 -3.59 -17.91
C ASN B 149 -12.03 -2.90 -17.94
N GLY B 150 -10.96 -3.65 -17.73
CA GLY B 150 -9.59 -3.14 -17.75
C GLY B 150 -9.13 -2.44 -16.48
N SER B 151 -10.08 -2.09 -15.59
CA SER B 151 -9.81 -1.42 -14.32
CA SER B 151 -9.76 -1.42 -14.33
C SER B 151 -8.99 -2.31 -13.36
N TYR B 152 -8.35 -1.70 -12.34
CA TYR B 152 -7.56 -2.43 -11.34
C TYR B 152 -8.32 -2.53 -10.01
N VAL B 153 -8.27 -3.71 -9.37
CA VAL B 153 -8.86 -3.89 -8.04
C VAL B 153 -7.76 -4.44 -7.12
N SER B 154 -7.32 -3.64 -6.17
CA SER B 154 -6.25 -4.01 -5.26
C SER B 154 -6.79 -4.62 -3.96
N ALA B 155 -6.08 -5.59 -3.39
CA ALA B 155 -6.41 -6.13 -2.08
C ALA B 155 -6.04 -5.07 -1.02
N ILE B 156 -6.64 -5.16 0.16
CA ILE B 156 -6.22 -4.32 1.27
C ILE B 156 -5.16 -5.25 1.93
N THR B 157 -3.86 -5.07 1.57
CA THR B 157 -2.83 -5.99 2.09
C THR B 157 -2.30 -5.57 3.46
N GLN B 158 -2.49 -6.41 4.48
CA GLN B 158 -2.01 -6.09 5.84
C GLN B 158 -1.03 -7.17 6.38
N GLY B 159 -0.02 -6.77 7.14
CA GLY B 159 0.91 -7.71 7.76
C GLY B 159 0.42 -8.16 9.12
N LYS B 160 1.31 -8.78 9.89
CA LYS B 160 0.98 -9.25 11.25
C LYS B 160 1.94 -8.59 12.24
N ARG B 161 1.43 -8.07 13.37
CA ARG B 161 2.30 -7.44 14.36
C ARG B 161 2.63 -8.49 15.43
N GLU B 162 3.91 -8.93 15.45
CA GLU B 162 4.40 -9.92 16.41
C GLU B 162 4.45 -9.37 17.84
S DMS C . 18.36 -7.05 -3.50
O DMS C . 17.76 -7.01 -2.15
C1 DMS C . 19.45 -5.68 -3.60
C2 DMS C . 17.16 -6.36 -4.61
N1 A1B86 D . 1.28 -4.25 -8.99
C4 A1B86 D . 3.38 -5.56 -9.14
C5 A1B86 D . 2.05 -5.42 -8.74
C6 A1B86 D . 1.19 -3.57 -10.16
C7 A1B86 D . 0.19 -2.47 -10.19
C8 A1B86 D . -0.09 -1.65 -9.09
C10 A1B86 D . -1.69 -0.42 -10.40
C13 A1B86 D . -3.84 -1.78 -15.62
C15 A1B86 D . -5.51 0.08 -15.44
C17 A1B86 D . -6.76 0.87 -17.33
C20 A1B86 D . -0.48 -2.24 -11.38
C21 A1B86 D . 1.45 -6.45 -8.03
C22 A1B86 D . 2.15 -7.59 -7.74
O1 A1B86 D . -2.16 -2.90 -13.81
C12 A1B86 D . -2.46 -1.73 -13.68
O2 A1B86 D . -3.29 -1.05 -14.50
C14 A1B86 D . -4.84 -0.85 -16.23
C19 A1B86 D . -5.15 -0.89 -17.59
C18 A1B86 D . -6.10 -0.04 -18.13
C16 A1B86 D . -6.46 0.93 -15.98
N2 A1B86 D . -2.00 -0.88 -12.73
C11 A1B86 D . -1.41 -1.21 -11.50
C9 A1B86 D . -1.01 -0.64 -9.22
CL A1B86 D . -1.27 0.46 -7.88
O A1B86 D . 1.83 -3.86 -11.16
C3 A1B86 D . 4.07 -6.72 -8.84
C2 A1B86 D . 3.48 -7.75 -8.13
C1 A1B86 D . 4.24 -9.03 -7.80
N A1B86 D . 3.90 -9.41 -6.43
C A1B86 D . 5.75 -8.95 -8.02
#